data_2RBK
#
_entry.id   2RBK
#
_cell.length_a   49.533
_cell.length_b   56.356
_cell.length_c   94.026
_cell.angle_alpha   90.00
_cell.angle_beta   90.00
_cell.angle_gamma   90.00
#
_symmetry.space_group_name_H-M   'P 21 21 21'
#
loop_
_entity.id
_entity.type
_entity.pdbx_description
1 polymer 'Putative uncharacterized protein'
2 non-polymer 'MAGNESIUM ION'
3 non-polymer oxido(dioxo)vanadium
4 water water
#
_entity_poly.entity_id   1
_entity_poly.type   'polypeptide(L)'
_entity_poly.pdbx_seq_one_letter_code
;MTKALFFDIDGTLVSFETHRIPSSTIEALEAAHAKGLKIFIATGRPKAIINNLSELQDRNLIDGYITMNGAYCFVGEEVI
YKSAIPQEEVKAMAAFCEKKGVPCIFVEEHNISVCQPNEMVKKIFYDFLHVNVIPTVSFEEASNKEVIQMTPFITEEEEK
EVLPSIPTCEIGRWYPAFADVTAKGDTKQKGIDEIIRHFGIKLEETMSFGDGGNDISMLRHAAIGVAMGQAKEDVKAAAD
YVTAPIDEDGISKAMKHFGII
;
_entity_poly.pdbx_strand_id   A
#
loop_
_chem_comp.id
_chem_comp.type
_chem_comp.name
_chem_comp.formula
MG non-polymer 'MAGNESIUM ION' 'Mg 2'
VN4 non-polymer oxido(dioxo)vanadium 'O3 V -1'
#
# COMPACT_ATOMS: atom_id res chain seq x y z
N MET A 1 -16.67 -9.52 17.19
CA MET A 1 -16.11 -10.40 16.16
C MET A 1 -15.73 -9.53 14.95
N THR A 2 -14.96 -10.23 14.13
CA THR A 2 -14.45 -9.49 12.97
C THR A 2 -15.50 -9.24 11.91
N LYS A 3 -15.56 -8.03 11.43
CA LYS A 3 -16.46 -7.58 10.38
C LYS A 3 -15.72 -7.08 9.15
N ALA A 4 -14.49 -6.64 9.26
CA ALA A 4 -13.77 -6.00 8.17
C ALA A 4 -12.35 -6.55 8.12
N LEU A 5 -11.94 -6.99 6.95
CA LEU A 5 -10.58 -7.49 6.67
C LEU A 5 -9.87 -6.49 5.79
N PHE A 6 -8.61 -6.17 6.11
CA PHE A 6 -7.81 -5.25 5.37
C PHE A 6 -6.54 -5.95 4.90
N PHE A 7 -6.39 -6.08 3.59
CA PHE A 7 -5.27 -6.82 3.01
C PHE A 7 -4.33 -5.88 2.25
N ASP A 8 -3.05 -5.89 2.66
CA ASP A 8 -2.00 -5.44 1.76
C ASP A 8 -2.00 -6.31 0.50
N ILE A 9 -1.47 -5.75 -0.59
CA ILE A 9 -1.39 -6.54 -1.83
C ILE A 9 -0.02 -7.24 -1.90
N ASP A 10 1.04 -6.49 -2.10
CA ASP A 10 2.33 -7.11 -2.47
C ASP A 10 2.96 -7.83 -1.29
N GLY A 11 3.19 -9.12 -1.42
CA GLY A 11 3.72 -9.97 -0.39
C GLY A 11 2.69 -10.46 0.59
N THR A 12 1.42 -10.11 0.39
CA THR A 12 0.34 -10.48 1.32
C THR A 12 -0.76 -11.22 0.56
N LEU A 13 -1.32 -10.60 -0.46
CA LEU A 13 -2.18 -11.29 -1.43
C LEU A 13 -1.40 -11.85 -2.60
N VAL A 14 -0.51 -11.07 -3.18
CA VAL A 14 0.25 -11.43 -4.40
C VAL A 14 1.67 -11.75 -4.02
N SER A 15 2.11 -12.97 -4.38
CA SER A 15 3.44 -13.42 -4.11
C SER A 15 4.50 -12.66 -4.90
N PHE A 16 5.59 -12.26 -4.28
CA PHE A 16 6.70 -11.64 -4.99
C PHE A 16 7.42 -12.70 -5.81
N GLU A 17 7.36 -13.94 -5.38
CA GLU A 17 8.01 -15.11 -5.97
CA GLU A 17 8.12 -15.01 -6.06
C GLU A 17 7.39 -15.51 -7.28
N THR A 18 6.06 -15.63 -7.23
CA THR A 18 5.31 -16.10 -8.36
C THR A 18 4.60 -14.98 -9.10
N HIS A 19 4.38 -13.82 -8.52
CA HIS A 19 3.58 -12.74 -9.04
C HIS A 19 2.10 -13.09 -9.20
N ARG A 20 1.60 -14.08 -8.45
CA ARG A 20 0.26 -14.53 -8.44
C ARG A 20 -0.32 -14.60 -7.03
N ILE A 21 -1.62 -14.61 -6.98
CA ILE A 21 -2.37 -14.83 -5.75
C ILE A 21 -2.48 -16.37 -5.50
N PRO A 22 -2.11 -16.85 -4.32
CA PRO A 22 -2.27 -18.29 -4.04
C PRO A 22 -3.74 -18.69 -4.23
N SER A 23 -3.90 -19.89 -4.72
CA SER A 23 -5.24 -20.43 -4.89
C SER A 23 -6.02 -20.48 -3.59
N SER A 24 -5.36 -20.81 -2.51
CA SER A 24 -6.07 -20.91 -1.24
C SER A 24 -6.50 -19.54 -0.72
N THR A 25 -5.84 -18.49 -1.14
CA THR A 25 -6.25 -17.14 -0.80
C THR A 25 -7.55 -16.79 -1.47
N ILE A 26 -7.67 -17.10 -2.76
CA ILE A 26 -8.93 -16.85 -3.46
CA ILE A 26 -8.91 -16.91 -3.49
C ILE A 26 -10.05 -17.64 -2.80
N GLU A 27 -9.83 -18.90 -2.48
CA GLU A 27 -10.87 -19.71 -1.81
C GLU A 27 -11.23 -19.13 -0.46
N ALA A 28 -10.26 -18.66 0.33
CA ALA A 28 -10.54 -18.10 1.63
C ALA A 28 -11.37 -16.84 1.52
N LEU A 29 -11.06 -15.97 0.56
CA LEU A 29 -11.80 -14.72 0.41
CA LEU A 29 -11.80 -14.74 0.36
C LEU A 29 -13.21 -15.02 -0.10
N GLU A 30 -13.38 -16.01 -0.98
CA GLU A 30 -14.74 -16.41 -1.38
C GLU A 30 -15.55 -16.83 -0.16
N ALA A 31 -14.92 -17.66 0.70
CA ALA A 31 -15.65 -18.15 1.86
C ALA A 31 -15.99 -17.00 2.82
N ALA A 32 -15.04 -16.06 3.01
CA ALA A 32 -15.27 -14.94 3.93
C ALA A 32 -16.36 -14.03 3.37
N HIS A 33 -16.36 -13.81 2.07
CA HIS A 33 -17.38 -12.93 1.44
C HIS A 33 -18.78 -13.47 1.72
N ALA A 34 -18.98 -14.79 1.56
CA ALA A 34 -20.27 -15.42 1.76
C ALA A 34 -20.72 -15.37 3.22
N LYS A 35 -19.77 -15.34 4.15
CA LYS A 35 -20.06 -15.15 5.58
C LYS A 35 -20.34 -13.69 5.95
N GLY A 36 -20.23 -12.77 4.99
CA GLY A 36 -20.54 -11.38 5.18
C GLY A 36 -19.37 -10.54 5.65
N LEU A 37 -18.15 -11.03 5.67
CA LEU A 37 -17.02 -10.19 5.92
C LEU A 37 -16.94 -9.13 4.83
N LYS A 38 -16.60 -7.90 5.20
CA LYS A 38 -16.22 -6.89 4.23
C LYS A 38 -14.71 -7.04 4.00
N ILE A 39 -14.33 -7.00 2.71
CA ILE A 39 -12.97 -7.27 2.29
C ILE A 39 -12.39 -6.03 1.60
N PHE A 40 -11.35 -5.48 2.17
CA PHE A 40 -10.77 -4.23 1.70
C PHE A 40 -9.33 -4.44 1.35
N ILE A 41 -8.90 -3.73 0.31
CA ILE A 41 -7.50 -3.60 -0.07
C ILE A 41 -6.88 -2.45 0.64
N ALA A 42 -5.65 -2.60 1.14
CA ALA A 42 -4.93 -1.52 1.82
C ALA A 42 -3.52 -1.56 1.27
N THR A 43 -3.22 -0.66 0.30
CA THR A 43 -1.99 -0.72 -0.47
C THR A 43 -1.34 0.64 -0.59
N GLY A 44 0.01 0.61 -0.75
CA GLY A 44 0.77 1.71 -1.20
C GLY A 44 0.59 2.02 -2.65
N ARG A 45 0.13 1.06 -3.47
CA ARG A 45 -0.05 1.33 -4.87
C ARG A 45 -1.18 2.33 -5.08
N PRO A 46 -1.03 3.25 -6.04
CA PRO A 46 -2.18 3.96 -6.59
C PRO A 46 -3.05 3.03 -7.43
N LYS A 47 -4.32 3.34 -7.56
CA LYS A 47 -5.22 2.54 -8.38
C LYS A 47 -4.67 2.34 -9.77
N ALA A 48 -4.01 3.35 -10.35
CA ALA A 48 -3.50 3.30 -11.67
C ALA A 48 -2.53 2.12 -11.91
N ILE A 49 -1.90 1.58 -10.87
CA ILE A 49 -0.99 0.46 -11.07
C ILE A 49 -1.47 -0.77 -10.32
N ILE A 50 -2.74 -0.83 -9.89
CA ILE A 50 -3.30 -2.07 -9.30
C ILE A 50 -3.75 -2.93 -10.47
N ASN A 51 -2.81 -3.68 -11.04
CA ASN A 51 -2.99 -4.49 -12.24
C ASN A 51 -2.89 -5.97 -11.89
N ASN A 52 -2.92 -6.32 -10.61
CA ASN A 52 -2.57 -7.69 -10.16
C ASN A 52 -3.67 -8.31 -9.32
N LEU A 53 -4.90 -7.72 -9.31
CA LEU A 53 -5.98 -8.19 -8.53
C LEU A 53 -7.16 -8.71 -9.33
N SER A 54 -7.01 -8.93 -10.66
CA SER A 54 -8.17 -9.31 -11.47
C SER A 54 -8.89 -10.53 -10.98
N GLU A 55 -8.19 -11.50 -10.42
CA GLU A 55 -8.90 -12.67 -9.93
C GLU A 55 -9.94 -12.35 -8.87
N LEU A 56 -9.59 -11.45 -7.99
CA LEU A 56 -10.49 -11.05 -6.93
C LEU A 56 -11.58 -10.09 -7.45
N GLN A 57 -11.14 -9.17 -8.34
CA GLN A 57 -12.02 -8.17 -8.90
C GLN A 57 -13.09 -8.80 -9.81
N ASP A 58 -12.67 -9.76 -10.62
CA ASP A 58 -13.64 -10.40 -11.53
C ASP A 58 -14.62 -11.25 -10.73
N ARG A 59 -14.25 -11.69 -9.54
CA ARG A 59 -15.11 -12.45 -8.63
CA ARG A 59 -15.14 -12.46 -8.66
C ARG A 59 -15.94 -11.52 -7.76
N ASN A 60 -15.79 -10.21 -7.88
CA ASN A 60 -16.56 -9.24 -7.13
C ASN A 60 -16.45 -9.42 -5.62
N LEU A 61 -15.22 -9.69 -5.18
CA LEU A 61 -14.95 -9.96 -3.76
C LEU A 61 -14.45 -8.76 -2.95
N ILE A 62 -14.10 -7.66 -3.57
CA ILE A 62 -13.54 -6.50 -2.87
C ILE A 62 -14.62 -5.46 -2.66
N ASP A 63 -14.75 -5.00 -1.41
CA ASP A 63 -15.78 -4.02 -1.01
C ASP A 63 -15.26 -2.59 -0.99
N GLY A 64 -13.97 -2.35 -1.05
CA GLY A 64 -13.43 -0.99 -1.04
C GLY A 64 -11.93 -1.03 -1.05
N TYR A 65 -11.36 0.17 -1.26
CA TYR A 65 -9.96 0.34 -1.46
C TYR A 65 -9.38 1.49 -0.63
N ILE A 66 -8.28 1.17 0.02
CA ILE A 66 -7.35 2.11 0.59
C ILE A 66 -6.13 2.07 -0.29
N THR A 67 -5.85 3.16 -1.00
CA THR A 67 -4.71 3.22 -1.92
C THR A 67 -3.80 4.35 -1.51
N MET A 68 -2.59 4.35 -2.10
CA MET A 68 -1.60 5.36 -1.77
C MET A 68 -1.46 5.51 -0.23
N ASN A 69 -1.37 4.37 0.45
CA ASN A 69 -1.07 4.37 1.88
C ASN A 69 -2.08 5.14 2.70
N GLY A 70 -3.35 5.17 2.26
CA GLY A 70 -4.39 5.91 2.95
C GLY A 70 -4.70 7.25 2.42
N ALA A 71 -3.90 7.77 1.49
CA ALA A 71 -4.12 9.10 0.92
C ALA A 71 -5.22 9.14 -0.13
N TYR A 72 -5.78 7.99 -0.54
CA TYR A 72 -6.84 7.98 -1.53
C TYR A 72 -7.72 6.74 -1.30
N CYS A 73 -8.91 6.92 -0.74
CA CYS A 73 -9.75 5.83 -0.34
C CYS A 73 -11.10 5.92 -1.03
N PHE A 74 -11.62 4.76 -1.49
CA PHE A 74 -12.88 4.79 -2.21
C PHE A 74 -13.63 3.47 -2.00
N VAL A 75 -14.96 3.57 -2.15
CA VAL A 75 -15.88 2.45 -1.99
C VAL A 75 -16.76 2.49 -3.23
N GLY A 76 -16.61 1.52 -4.11
CA GLY A 76 -17.31 1.59 -5.39
C GLY A 76 -16.76 2.76 -6.17
N GLU A 77 -17.62 3.62 -6.66
CA GLU A 77 -17.20 4.80 -7.38
C GLU A 77 -17.05 6.02 -6.47
N GLU A 78 -17.31 5.89 -5.17
CA GLU A 78 -17.35 6.97 -4.25
C GLU A 78 -16.02 7.17 -3.53
N VAL A 79 -15.38 8.30 -3.77
CA VAL A 79 -14.20 8.67 -2.97
C VAL A 79 -14.66 9.07 -1.57
N ILE A 80 -14.12 8.44 -0.57
CA ILE A 80 -14.48 8.73 0.83
C ILE A 80 -13.47 9.56 1.54
N TYR A 81 -12.23 9.65 1.05
CA TYR A 81 -11.18 10.43 1.65
C TYR A 81 -10.04 10.56 0.65
N LYS A 82 -9.43 11.73 0.59
CA LYS A 82 -8.20 11.90 -0.17
CA LYS A 82 -8.21 11.93 -0.19
C LYS A 82 -7.39 13.01 0.47
N SER A 83 -6.15 13.11 0.04
CA SER A 83 -5.27 14.14 0.55
C SER A 83 -4.28 14.54 -0.54
N ALA A 84 -3.52 15.58 -0.25
CA ALA A 84 -2.49 16.06 -1.16
C ALA A 84 -1.32 16.55 -0.30
N ILE A 85 -0.11 16.44 -0.84
CA ILE A 85 1.11 16.83 -0.17
C ILE A 85 1.31 18.33 -0.25
N PRO A 86 1.72 18.98 0.83
CA PRO A 86 2.09 20.40 0.75
C PRO A 86 3.05 20.68 -0.42
N GLN A 87 2.75 21.73 -1.16
CA GLN A 87 3.53 21.93 -2.38
C GLN A 87 5.00 22.17 -2.06
N GLU A 88 5.33 22.82 -0.96
CA GLU A 88 6.74 23.03 -0.65
C GLU A 88 7.47 21.70 -0.55
N GLU A 89 6.81 20.71 0.00
CA GLU A 89 7.45 19.39 0.22
C GLU A 89 7.53 18.63 -1.10
N VAL A 90 6.55 18.77 -1.99
CA VAL A 90 6.68 18.22 -3.33
C VAL A 90 7.89 18.78 -4.04
N LYS A 91 8.02 20.11 -3.99
CA LYS A 91 9.13 20.79 -4.67
C LYS A 91 10.45 20.38 -4.05
N ALA A 92 10.51 20.22 -2.72
CA ALA A 92 11.77 19.85 -2.09
C ALA A 92 12.18 18.45 -2.43
N MET A 93 11.23 17.51 -2.50
CA MET A 93 11.54 16.16 -2.92
C MET A 93 12.01 16.10 -4.37
N ALA A 94 11.34 16.84 -5.24
CA ALA A 94 11.76 16.88 -6.65
C ALA A 94 13.18 17.46 -6.76
N ALA A 95 13.49 18.50 -6.04
CA ALA A 95 14.82 19.10 -6.11
C ALA A 95 15.84 18.11 -5.59
N PHE A 96 15.59 17.43 -4.50
CA PHE A 96 16.51 16.49 -3.88
C PHE A 96 16.81 15.36 -4.84
N CYS A 97 15.74 14.78 -5.39
CA CYS A 97 15.94 13.65 -6.30
C CYS A 97 16.69 14.04 -7.57
N GLU A 98 16.36 15.22 -8.12
CA GLU A 98 17.07 15.65 -9.31
C GLU A 98 18.54 15.90 -9.01
N LYS A 99 18.85 16.54 -7.90
CA LYS A 99 20.24 16.79 -7.51
C LYS A 99 21.03 15.52 -7.27
N LYS A 100 20.35 14.50 -6.68
CA LYS A 100 21.04 13.23 -6.29
C LYS A 100 21.12 12.25 -7.42
N GLY A 101 20.40 12.57 -8.52
CA GLY A 101 20.32 11.67 -9.63
C GLY A 101 19.55 10.40 -9.42
N VAL A 102 18.44 10.49 -8.66
CA VAL A 102 17.57 9.32 -8.52
C VAL A 102 16.19 9.64 -9.03
N PRO A 103 15.48 8.60 -9.47
CA PRO A 103 14.16 8.80 -10.02
C PRO A 103 13.10 8.97 -8.92
N CYS A 104 11.96 9.52 -9.34
CA CYS A 104 10.83 9.70 -8.42
C CYS A 104 9.54 9.65 -9.23
N ILE A 105 8.59 8.89 -8.73
CA ILE A 105 7.21 8.81 -9.25
C ILE A 105 6.37 9.83 -8.53
N PHE A 106 5.53 10.53 -9.30
CA PHE A 106 4.59 11.53 -8.77
C PHE A 106 3.20 11.12 -9.16
N VAL A 107 2.32 10.90 -8.21
CA VAL A 107 0.99 10.41 -8.45
C VAL A 107 -0.03 11.50 -8.15
N GLU A 108 -0.85 11.81 -9.13
CA GLU A 108 -1.99 12.71 -9.02
C GLU A 108 -3.25 11.85 -8.95
N GLU A 109 -4.40 12.50 -8.72
CA GLU A 109 -5.63 11.73 -8.62
C GLU A 109 -5.89 10.88 -9.87
N HIS A 110 -5.68 11.51 -11.03
CA HIS A 110 -5.98 10.85 -12.30
C HIS A 110 -4.83 10.85 -13.29
N ASN A 111 -3.58 10.92 -12.81
CA ASN A 111 -2.39 10.75 -13.65
CA ASN A 111 -2.39 10.81 -13.63
C ASN A 111 -1.28 10.23 -12.79
N ILE A 112 -0.33 9.59 -13.43
CA ILE A 112 0.86 9.07 -12.78
C ILE A 112 2.05 9.34 -13.72
N SER A 113 3.14 9.79 -13.15
CA SER A 113 4.34 10.13 -13.92
C SER A 113 5.59 9.70 -13.20
N VAL A 114 6.67 9.58 -13.97
CA VAL A 114 8.00 9.32 -13.39
C VAL A 114 8.98 10.30 -13.97
N CYS A 115 9.91 10.74 -13.11
CA CYS A 115 10.94 11.68 -13.48
C CYS A 115 12.27 10.93 -13.51
N GLN A 116 13.01 11.07 -14.64
CA GLN A 116 14.32 10.49 -14.84
C GLN A 116 14.42 9.01 -14.47
N PRO A 117 13.53 8.21 -15.03
CA PRO A 117 13.57 6.81 -14.67
C PRO A 117 14.90 6.13 -15.02
N ASN A 118 15.41 5.25 -14.18
CA ASN A 118 16.76 4.64 -14.34
C ASN A 118 16.72 3.15 -14.01
N GLU A 119 17.84 2.49 -13.82
CA GLU A 119 17.89 1.06 -13.56
C GLU A 119 17.01 0.67 -12.40
N MET A 120 16.94 1.44 -11.33
CA MET A 120 16.11 1.03 -10.24
C MET A 120 14.63 0.91 -10.66
N VAL A 121 14.09 1.79 -11.55
CA VAL A 121 12.67 1.73 -11.92
C VAL A 121 12.33 0.53 -12.80
N LYS A 122 13.23 0.30 -13.77
CA LYS A 122 12.94 -0.83 -14.66
CA LYS A 122 13.11 -0.82 -14.68
C LYS A 122 13.03 -2.19 -14.01
N LYS A 123 14.10 -2.32 -13.21
CA LYS A 123 14.36 -3.58 -12.56
C LYS A 123 13.17 -3.94 -11.67
N ILE A 124 12.77 -2.94 -10.84
CA ILE A 124 11.82 -3.21 -9.77
C ILE A 124 10.41 -3.05 -10.28
N PHE A 125 10.01 -1.88 -10.74
CA PHE A 125 8.60 -1.70 -11.07
C PHE A 125 8.17 -2.47 -12.30
N TYR A 126 8.96 -2.53 -13.36
CA TYR A 126 8.45 -3.12 -14.59
C TYR A 126 8.75 -4.62 -14.69
N ASP A 127 10.04 -4.96 -14.71
CA ASP A 127 10.43 -6.32 -15.03
C ASP A 127 10.05 -7.31 -13.92
N PHE A 128 10.05 -6.79 -12.70
CA PHE A 128 9.67 -7.61 -11.55
C PHE A 128 8.22 -7.53 -11.16
N LEU A 129 7.83 -6.29 -10.79
CA LEU A 129 6.51 -6.12 -10.26
C LEU A 129 5.55 -6.02 -11.41
N HIS A 130 5.97 -5.97 -12.64
CA HIS A 130 4.97 -6.08 -13.70
C HIS A 130 4.05 -4.87 -13.72
N VAL A 131 4.60 -3.74 -13.31
CA VAL A 131 3.79 -2.53 -13.52
C VAL A 131 3.96 -2.09 -14.97
N ASN A 132 2.91 -1.61 -15.63
CA ASN A 132 3.02 -0.98 -16.96
C ASN A 132 3.90 0.28 -16.92
N VAL A 133 4.63 0.54 -18.01
CA VAL A 133 5.51 1.70 -18.08
C VAL A 133 4.72 2.98 -17.76
N ILE A 134 5.30 3.74 -16.84
CA ILE A 134 4.73 4.99 -16.36
C ILE A 134 5.25 6.11 -17.26
N PRO A 135 4.45 7.04 -17.72
CA PRO A 135 4.95 8.09 -18.60
C PRO A 135 5.95 8.99 -17.89
N THR A 136 6.95 9.43 -18.65
CA THR A 136 7.95 10.31 -18.16
C THR A 136 7.58 11.77 -18.27
N VAL A 137 7.86 12.55 -17.24
CA VAL A 137 7.72 13.99 -17.26
C VAL A 137 8.96 14.57 -16.59
N SER A 138 9.22 15.86 -16.84
CA SER A 138 10.32 16.52 -16.18
C SER A 138 10.05 16.72 -14.72
N PHE A 139 11.14 16.84 -13.93
CA PHE A 139 11.02 17.21 -12.54
C PHE A 139 10.34 18.57 -12.40
N GLU A 140 10.64 19.50 -13.31
CA GLU A 140 10.02 20.80 -13.25
C GLU A 140 8.50 20.68 -13.34
N GLU A 141 8.05 19.93 -14.31
CA GLU A 141 6.60 19.80 -14.44
C GLU A 141 6.01 19.09 -13.23
N ALA A 142 6.64 18.02 -12.79
CA ALA A 142 6.17 17.31 -11.58
C ALA A 142 6.10 18.18 -10.37
N SER A 143 7.05 19.08 -10.21
CA SER A 143 7.13 19.87 -8.99
C SER A 143 5.94 20.81 -8.87
N ASN A 144 5.19 21.00 -9.94
CA ASN A 144 4.06 21.91 -9.93
C ASN A 144 2.69 21.23 -9.86
N LYS A 145 2.61 19.94 -9.82
CA LYS A 145 1.40 19.14 -9.80
CA LYS A 145 1.24 19.41 -9.84
C LYS A 145 0.81 19.09 -8.39
N GLU A 146 -0.47 18.84 -8.35
CA GLU A 146 -1.15 18.50 -7.11
CA GLU A 146 -1.18 18.49 -7.13
C GLU A 146 -0.91 16.99 -6.85
N VAL A 147 -0.02 16.69 -5.97
CA VAL A 147 0.49 15.35 -5.80
C VAL A 147 -0.10 14.71 -4.55
N ILE A 148 -0.65 13.52 -4.71
CA ILE A 148 -1.19 12.72 -3.61
C ILE A 148 -0.14 11.83 -3.01
N GLN A 149 0.78 11.27 -3.80
CA GLN A 149 1.84 10.42 -3.32
C GLN A 149 3.07 10.61 -4.21
N MET A 150 4.25 10.65 -3.58
CA MET A 150 5.52 10.59 -4.30
C MET A 150 6.24 9.34 -3.91
N THR A 151 6.93 8.74 -4.84
CA THR A 151 7.69 7.50 -4.61
C THR A 151 9.13 7.71 -5.09
N PRO A 152 9.97 8.27 -4.24
CA PRO A 152 11.38 8.41 -4.57
C PRO A 152 12.14 7.11 -4.38
N PHE A 153 13.09 6.87 -5.33
CA PHE A 153 13.92 5.68 -5.30
C PHE A 153 15.18 6.05 -4.52
N ILE A 154 15.00 6.19 -3.18
CA ILE A 154 16.08 6.62 -2.24
C ILE A 154 16.33 5.54 -1.23
N THR A 155 17.62 5.45 -0.83
CA THR A 155 18.00 4.57 0.26
C THR A 155 17.53 5.15 1.60
N GLU A 156 17.68 4.36 2.69
CA GLU A 156 17.40 4.86 4.06
CA GLU A 156 17.36 4.90 4.04
C GLU A 156 18.32 6.03 4.40
N GLU A 157 19.62 5.95 4.00
CA GLU A 157 20.55 7.05 4.24
C GLU A 157 20.06 8.31 3.52
N GLU A 158 19.66 8.19 2.25
CA GLU A 158 19.14 9.39 1.56
C GLU A 158 17.85 9.88 2.11
N GLU A 159 17.00 8.98 2.56
CA GLU A 159 15.78 9.37 3.26
C GLU A 159 16.13 10.26 4.42
N LYS A 160 17.12 9.89 5.26
CA LYS A 160 17.45 10.76 6.40
C LYS A 160 18.01 12.09 5.96
N GLU A 161 18.68 12.14 4.81
CA GLU A 161 19.19 13.37 4.27
C GLU A 161 18.07 14.33 3.83
N VAL A 162 17.04 13.81 3.18
CA VAL A 162 15.96 14.66 2.69
C VAL A 162 14.87 14.90 3.72
N LEU A 163 14.85 14.10 4.77
CA LEU A 163 13.78 14.25 5.76
CA LEU A 163 13.82 14.26 5.79
C LEU A 163 13.55 15.67 6.27
N PRO A 164 14.55 16.48 6.57
CA PRO A 164 14.30 17.84 7.07
C PRO A 164 13.56 18.68 6.06
N SER A 165 13.63 18.32 4.77
CA SER A 165 12.90 19.03 3.72
CA SER A 165 12.83 19.13 3.84
C SER A 165 11.47 18.56 3.49
N ILE A 166 11.05 17.43 4.09
CA ILE A 166 9.66 16.93 4.00
C ILE A 166 9.10 16.82 5.43
N PRO A 167 9.05 17.93 6.18
CA PRO A 167 8.82 17.84 7.61
C PRO A 167 7.46 17.42 8.08
N THR A 168 6.49 17.37 7.23
CA THR A 168 5.16 16.97 7.67
C THR A 168 4.68 15.68 7.03
N CYS A 169 5.38 15.13 6.09
CA CYS A 169 4.93 13.94 5.36
C CYS A 169 5.19 12.66 6.15
N GLU A 170 4.39 11.66 5.83
CA GLU A 170 4.63 10.30 6.22
C GLU A 170 5.47 9.61 5.17
N ILE A 171 6.33 8.69 5.58
CA ILE A 171 7.20 7.97 4.66
CA ILE A 171 7.19 7.95 4.71
C ILE A 171 7.11 6.50 5.07
N GLY A 172 6.76 5.63 4.09
CA GLY A 172 6.71 4.21 4.37
C GLY A 172 7.37 3.38 3.30
N ARG A 173 7.79 2.19 3.59
CA ARG A 173 8.26 1.25 2.50
C ARG A 173 7.54 -0.12 2.53
N TRP A 174 7.22 -0.64 1.31
CA TRP A 174 6.81 -1.97 1.04
C TRP A 174 7.74 -2.84 0.24
N TYR A 175 8.80 -2.17 -0.22
CA TYR A 175 9.83 -2.83 -0.98
C TYR A 175 11.17 -2.11 -0.71
N PRO A 176 12.31 -2.72 -0.60
CA PRO A 176 13.48 -1.92 -0.15
C PRO A 176 13.99 -0.85 -1.10
N ALA A 177 13.73 -0.88 -2.41
CA ALA A 177 14.48 0.13 -3.16
C ALA A 177 13.92 1.55 -3.24
N PHE A 178 12.79 1.78 -2.60
CA PHE A 178 12.07 3.05 -2.72
C PHE A 178 11.15 3.22 -1.55
N ALA A 179 10.60 4.40 -1.41
CA ALA A 179 9.66 4.71 -0.33
C ALA A 179 8.47 5.45 -0.92
N ASP A 180 7.34 5.42 -0.22
CA ASP A 180 6.17 6.19 -0.55
C ASP A 180 6.01 7.33 0.45
N VAL A 181 5.77 8.52 -0.04
CA VAL A 181 5.65 9.74 0.74
C VAL A 181 4.23 10.27 0.52
N THR A 182 3.52 10.53 1.64
CA THR A 182 2.16 11.04 1.65
C THR A 182 2.06 12.12 2.71
N ALA A 183 0.92 12.84 2.70
CA ALA A 183 0.75 13.94 3.63
C ALA A 183 0.57 13.47 5.07
N LYS A 184 0.67 14.43 5.99
CA LYS A 184 0.60 14.22 7.42
C LYS A 184 -0.56 13.33 7.81
N GLY A 185 -0.22 12.24 8.55
CA GLY A 185 -1.21 11.35 9.06
C GLY A 185 -1.71 10.30 8.09
N ASP A 186 -1.35 10.37 6.81
CA ASP A 186 -1.86 9.43 5.82
C ASP A 186 -1.02 8.19 5.75
N THR A 187 -1.45 7.18 6.51
CA THR A 187 -0.93 5.83 6.52
C THR A 187 -2.09 4.87 6.38
N LYS A 188 -1.81 3.59 6.25
CA LYS A 188 -2.94 2.66 6.12
C LYS A 188 -3.87 2.69 7.32
N GLN A 189 -3.38 3.04 8.49
CA GLN A 189 -4.25 3.21 9.68
C GLN A 189 -5.35 4.21 9.44
N LYS A 190 -5.01 5.38 8.82
CA LYS A 190 -6.02 6.37 8.42
C LYS A 190 -7.01 5.76 7.49
N GLY A 191 -6.53 4.94 6.53
CA GLY A 191 -7.42 4.28 5.60
C GLY A 191 -8.44 3.39 6.33
N ILE A 192 -7.98 2.62 7.31
CA ILE A 192 -8.91 1.81 8.07
C ILE A 192 -9.97 2.65 8.70
N ASP A 193 -9.55 3.76 9.33
CA ASP A 193 -10.50 4.63 10.01
C ASP A 193 -11.56 5.15 9.05
N GLU A 194 -11.14 5.53 7.84
CA GLU A 194 -12.09 6.08 6.85
C GLU A 194 -13.05 5.02 6.37
N ILE A 195 -12.53 3.82 6.07
CA ILE A 195 -13.41 2.76 5.61
C ILE A 195 -14.43 2.37 6.68
N ILE A 196 -13.97 2.19 7.92
CA ILE A 196 -14.91 1.71 8.92
C ILE A 196 -15.94 2.81 9.25
N ARG A 197 -15.54 4.08 9.20
CA ARG A 197 -16.48 5.23 9.35
C ARG A 197 -17.58 5.07 8.35
N HIS A 198 -17.25 4.75 7.07
CA HIS A 198 -18.26 4.65 6.03
C HIS A 198 -19.25 3.51 6.27
N PHE A 199 -18.76 2.39 6.79
CA PHE A 199 -19.57 1.20 6.97
C PHE A 199 -20.17 1.08 8.38
N GLY A 200 -19.88 1.94 9.30
CA GLY A 200 -20.40 1.80 10.67
C GLY A 200 -19.75 0.65 11.44
N ILE A 201 -18.58 0.23 11.03
CA ILE A 201 -17.83 -0.84 11.69
C ILE A 201 -16.96 -0.25 12.77
N LYS A 202 -16.84 -0.93 13.92
CA LYS A 202 -15.99 -0.46 14.96
C LYS A 202 -14.56 -0.96 14.79
N LEU A 203 -13.62 -0.18 15.32
CA LEU A 203 -12.20 -0.59 15.22
C LEU A 203 -11.99 -1.98 15.84
N GLU A 204 -12.76 -2.28 16.88
CA GLU A 204 -12.60 -3.55 17.58
CA GLU A 204 -12.74 -3.53 17.62
C GLU A 204 -13.08 -4.72 16.75
N GLU A 205 -13.64 -4.50 15.56
CA GLU A 205 -14.16 -5.50 14.64
C GLU A 205 -13.30 -5.62 13.39
N THR A 206 -12.04 -5.14 13.42
CA THR A 206 -11.17 -5.13 12.26
C THR A 206 -10.03 -6.14 12.38
N MET A 207 -9.56 -6.60 11.23
CA MET A 207 -8.39 -7.46 11.12
C MET A 207 -7.58 -6.99 9.92
N SER A 208 -6.28 -6.89 10.07
CA SER A 208 -5.40 -6.46 8.99
C SER A 208 -4.33 -7.54 8.74
N PHE A 209 -3.80 -7.54 7.52
CA PHE A 209 -2.85 -8.50 7.02
C PHE A 209 -1.75 -7.77 6.26
N GLY A 210 -0.49 -8.05 6.60
CA GLY A 210 0.60 -7.37 5.89
C GLY A 210 1.91 -8.06 6.04
N ASP A 211 2.86 -7.60 5.21
CA ASP A 211 4.19 -8.15 5.17
C ASP A 211 5.27 -7.09 5.29
N GLY A 212 4.98 -5.81 5.32
CA GLY A 212 6.00 -4.78 5.11
C GLY A 212 5.95 -3.68 6.13
N GLY A 213 7.01 -2.85 6.11
CA GLY A 213 7.07 -1.76 7.05
C GLY A 213 5.90 -0.80 6.94
N ASN A 214 5.35 -0.58 5.75
CA ASN A 214 4.24 0.32 5.61
C ASN A 214 2.89 -0.28 6.07
N ASP A 215 2.94 -1.53 6.60
CA ASP A 215 1.81 -2.16 7.20
C ASP A 215 1.84 -2.06 8.72
N ILE A 216 2.95 -1.65 9.31
CA ILE A 216 3.06 -1.70 10.76
C ILE A 216 1.96 -0.90 11.44
N SER A 217 1.66 0.32 10.94
CA SER A 217 0.64 1.10 11.64
C SER A 217 -0.70 0.40 11.57
N MET A 218 -1.07 -0.22 10.46
CA MET A 218 -2.37 -0.94 10.44
C MET A 218 -2.35 -2.25 11.18
N LEU A 219 -1.21 -2.92 11.30
CA LEU A 219 -1.08 -4.14 12.10
C LEU A 219 -1.32 -3.80 13.58
N ARG A 220 -0.79 -2.67 14.04
CA ARG A 220 -0.98 -2.24 15.41
CA ARG A 220 -0.97 -2.23 15.40
C ARG A 220 -2.39 -1.71 15.64
N HIS A 221 -2.97 -1.01 14.65
CA HIS A 221 -4.23 -0.30 14.83
C HIS A 221 -5.43 -1.18 14.73
N ALA A 222 -5.46 -2.13 13.81
CA ALA A 222 -6.56 -3.06 13.71
C ALA A 222 -6.68 -3.86 15.00
N ALA A 223 -7.89 -4.38 15.30
CA ALA A 223 -8.05 -5.18 16.49
C ALA A 223 -7.11 -6.38 16.50
N ILE A 224 -6.97 -7.03 15.36
CA ILE A 224 -6.12 -8.18 15.15
C ILE A 224 -5.26 -7.89 13.95
N GLY A 225 -3.95 -7.91 14.11
CA GLY A 225 -3.00 -7.75 13.00
C GLY A 225 -2.28 -9.07 12.71
N VAL A 226 -2.25 -9.45 11.47
CA VAL A 226 -1.62 -10.66 11.01
C VAL A 226 -0.43 -10.33 10.10
N ALA A 227 0.75 -10.83 10.48
CA ALA A 227 1.96 -10.69 9.65
C ALA A 227 2.21 -11.95 8.88
N MET A 228 2.62 -11.79 7.62
CA MET A 228 2.99 -12.92 6.79
C MET A 228 4.27 -13.55 7.31
N GLY A 229 4.43 -14.86 7.07
CA GLY A 229 5.53 -15.60 7.65
C GLY A 229 6.91 -15.11 7.24
N GLN A 230 7.04 -14.56 6.05
CA GLN A 230 8.34 -14.07 5.54
CA GLN A 230 8.42 -14.12 5.70
C GLN A 230 8.64 -12.62 5.89
N ALA A 231 7.75 -11.97 6.59
CA ALA A 231 8.00 -10.58 6.95
C ALA A 231 9.22 -10.44 7.85
N LYS A 232 9.83 -9.27 7.83
CA LYS A 232 10.93 -8.93 8.75
C LYS A 232 10.40 -8.92 10.19
N GLU A 233 11.37 -9.02 11.10
CA GLU A 233 11.03 -9.16 12.51
C GLU A 233 10.25 -7.96 13.04
N ASP A 234 10.51 -6.74 12.61
CA ASP A 234 9.77 -5.59 13.15
C ASP A 234 8.30 -5.65 12.71
N VAL A 235 8.03 -6.15 11.53
CA VAL A 235 6.66 -6.28 11.04
C VAL A 235 5.96 -7.36 11.87
N LYS A 236 6.63 -8.51 12.08
CA LYS A 236 6.07 -9.58 12.91
C LYS A 236 5.79 -9.08 14.31
N ALA A 237 6.65 -8.26 14.88
CA ALA A 237 6.49 -7.77 16.21
C ALA A 237 5.30 -6.82 16.34
N ALA A 238 4.94 -6.11 15.29
CA ALA A 238 3.79 -5.23 15.26
C ALA A 238 2.46 -6.00 15.18
N ALA A 239 2.50 -7.21 14.71
CA ALA A 239 1.32 -8.05 14.58
C ALA A 239 1.01 -8.77 15.89
N ASP A 240 -0.26 -9.21 15.98
CA ASP A 240 -0.72 -10.10 17.05
C ASP A 240 -0.47 -11.55 16.73
N TYR A 241 -0.38 -11.91 15.47
CA TYR A 241 -0.31 -13.26 15.01
C TYR A 241 0.60 -13.32 13.78
N VAL A 242 1.48 -14.27 13.72
CA VAL A 242 2.33 -14.47 12.53
C VAL A 242 1.85 -15.75 11.86
N THR A 243 1.37 -15.63 10.61
CA THR A 243 0.96 -16.78 9.88
C THR A 243 2.08 -17.41 9.07
N ALA A 244 1.76 -18.44 8.30
CA ALA A 244 2.71 -19.08 7.44
C ALA A 244 3.16 -18.13 6.33
N PRO A 245 4.23 -18.47 5.63
CA PRO A 245 4.57 -17.73 4.42
C PRO A 245 3.44 -17.67 3.41
N ILE A 246 3.48 -16.64 2.58
CA ILE A 246 2.40 -16.43 1.61
C ILE A 246 2.15 -17.64 0.76
N ASP A 247 3.18 -18.32 0.26
CA ASP A 247 3.04 -19.46 -0.65
C ASP A 247 2.92 -20.79 0.09
N GLU A 248 2.72 -20.76 1.41
CA GLU A 248 2.34 -21.90 2.21
C GLU A 248 0.99 -21.62 2.90
N ASP A 249 0.10 -21.04 2.11
CA ASP A 249 -1.31 -20.86 2.52
C ASP A 249 -1.42 -19.90 3.71
N GLY A 250 -0.55 -18.91 3.84
CA GLY A 250 -0.58 -18.04 5.02
C GLY A 250 -1.92 -17.36 5.23
N ILE A 251 -2.51 -16.78 4.20
CA ILE A 251 -3.79 -16.07 4.43
C ILE A 251 -4.87 -17.02 4.89
N SER A 252 -5.05 -18.12 4.14
CA SER A 252 -6.10 -19.07 4.47
C SER A 252 -5.92 -19.64 5.88
N LYS A 253 -4.68 -20.00 6.22
CA LYS A 253 -4.41 -20.53 7.55
C LYS A 253 -4.76 -19.54 8.62
N ALA A 254 -4.43 -18.27 8.44
CA ALA A 254 -4.77 -17.28 9.44
C ALA A 254 -6.28 -17.13 9.61
N MET A 255 -6.96 -17.05 8.47
CA MET A 255 -8.43 -16.90 8.50
C MET A 255 -9.11 -18.06 9.20
N LYS A 256 -8.61 -19.26 8.92
CA LYS A 256 -9.13 -20.45 9.61
C LYS A 256 -8.83 -20.39 11.11
N HIS A 257 -7.62 -20.00 11.47
CA HIS A 257 -7.24 -19.93 12.88
C HIS A 257 -8.16 -19.07 13.70
N PHE A 258 -8.58 -17.93 13.14
CA PHE A 258 -9.45 -17.03 13.86
C PHE A 258 -10.94 -17.38 13.74
N GLY A 259 -11.29 -18.34 12.91
CA GLY A 259 -12.66 -18.69 12.67
C GLY A 259 -13.38 -17.73 11.75
N ILE A 260 -12.66 -16.94 11.01
CA ILE A 260 -13.26 -16.07 9.99
C ILE A 260 -14.00 -16.94 8.98
N ILE A 261 -13.36 -18.07 8.66
CA ILE A 261 -13.86 -19.11 7.79
C ILE A 261 -13.59 -20.43 8.46
MG MG B . 3.44 -5.68 1.10
V VN4 C . 1.47 -3.21 -0.50
O1 VN4 C . 0.27 -3.64 -1.56
O2 VN4 C . 2.87 -4.23 -0.25
O3 VN4 C . 1.82 -1.48 0.02
#